data_3QCF
#
_entry.id   3QCF
#
_cell.length_a   74.900
_cell.length_b   82.300
_cell.length_c   126.800
_cell.angle_alpha   90.00
_cell.angle_beta   90.00
_cell.angle_gamma   90.00
#
_symmetry.space_group_name_H-M   'P 21 21 21'
#
loop_
_entity.id
_entity.type
_entity.pdbx_description
1 polymer 'Receptor-type tyrosine-protein phosphatase gamma'
2 non-polymer '3-[(3,4-dichlorobenzyl)sulfanyl]thiophene-2-carboxylic acid'
3 non-polymer 'SULFATE ION'
4 water water
#
_entity_poly.entity_id   1
_entity_poly.type   'polypeptide(L)'
_entity_poly.pdbx_seq_one_letter_code
;GSHMGSMEAIPVKQFVKHIGELYSNNQHGFSEDFEEVQRCTADMNITAEHSNHPENKHKNRYINILAYDHSRVKLRPLPG
KDSKHSDYINANYVDGYNKAKAYIATQGPLKSTFEDFWRMIWEQNTGIIVMITNLVEKGRRKCDQYWPTENSEEYGNIIV
TLKSTKIHACYTVRRFSIRNTKVKKGQKGNPKGRQNERVVIQYHYTQWPDMGVPEYALPVLTFVRRSSAARMPETGPVLV
HCSAGVGRTGTYIVIDSMLQQIKDKSTVNVLGFLKHIRTQRNYLVQTEEQYIFIHDALLEAILGKETEVS
;
_entity_poly.pdbx_strand_id   A,B
#
loop_
_chem_comp.id
_chem_comp.type
_chem_comp.name
_chem_comp.formula
NXY non-polymer '3-[(3,4-dichlorobenzyl)sulfanyl]thiophene-2-carboxylic acid' 'C12 H8 Cl2 O2 S2'
SO4 non-polymer 'SULFATE ION' 'O4 S -2'
#
# COMPACT_ATOMS: atom_id res chain seq x y z
N MET A 7 -11.08 -30.71 11.81
CA MET A 7 -11.21 -29.24 12.09
C MET A 7 -12.48 -28.94 12.89
N GLU A 8 -12.58 -27.71 13.38
CA GLU A 8 -13.49 -27.36 14.47
C GLU A 8 -14.75 -26.63 14.03
N ALA A 9 -15.58 -27.26 13.21
CA ALA A 9 -16.81 -26.63 12.76
C ALA A 9 -17.74 -26.29 13.93
N ILE A 10 -18.17 -25.04 14.00
CA ILE A 10 -19.17 -24.68 15.00
C ILE A 10 -20.55 -24.50 14.39
N PRO A 11 -21.59 -24.93 15.10
CA PRO A 11 -22.97 -24.74 14.64
C PRO A 11 -23.28 -23.26 14.46
N VAL A 12 -24.11 -22.97 13.46
CA VAL A 12 -24.52 -21.60 13.15
C VAL A 12 -24.90 -20.78 14.38
N LYS A 13 -25.66 -21.40 15.28
CA LYS A 13 -26.13 -20.72 16.48
C LYS A 13 -24.95 -20.23 17.32
N GLN A 14 -23.99 -21.10 17.56
CA GLN A 14 -22.83 -20.70 18.34
C GLN A 14 -21.97 -19.70 17.56
N PHE A 15 -21.97 -19.82 16.24
CA PHE A 15 -21.14 -18.96 15.42
C PHE A 15 -21.65 -17.53 15.45
N VAL A 16 -22.97 -17.41 15.42
CA VAL A 16 -23.61 -16.12 15.57
C VAL A 16 -23.26 -15.44 16.90
N LYS A 17 -23.28 -16.20 18.00
CA LYS A 17 -22.91 -15.63 19.30
C LYS A 17 -21.42 -15.27 19.27
N HIS A 18 -20.66 -16.03 18.50
CA HIS A 18 -19.21 -15.83 18.40
C HIS A 18 -18.86 -14.53 17.67
N ILE A 19 -19.63 -14.19 16.64
CA ILE A 19 -19.45 -12.91 15.99
C ILE A 19 -19.66 -11.78 16.99
N GLY A 20 -20.71 -11.88 17.80
CA GLY A 20 -20.93 -10.89 18.84
C GLY A 20 -19.73 -10.71 19.75
N GLU A 21 -19.00 -11.79 20.03
CA GLU A 21 -17.86 -11.70 20.91
C GLU A 21 -16.64 -11.11 20.22
N LEU A 22 -16.43 -11.46 18.95
CA LEU A 22 -15.33 -10.91 18.17
C LEU A 22 -15.46 -9.40 18.03
N TYR A 23 -16.69 -8.90 17.98
CA TYR A 23 -16.96 -7.46 17.93
C TYR A 23 -16.74 -6.77 19.28
N SER A 24 -16.87 -7.51 20.36
CA SER A 24 -16.87 -6.92 21.69
C SER A 24 -15.49 -6.37 22.06
N ASN A 25 -15.47 -5.45 23.03
CA ASN A 25 -14.21 -4.90 23.52
C ASN A 25 -13.42 -4.27 22.36
N ASN A 26 -14.09 -3.39 21.64
CA ASN A 26 -13.49 -2.71 20.49
C ASN A 26 -12.95 -3.71 19.47
N GLN A 27 -13.76 -4.71 19.15
CA GLN A 27 -13.44 -5.65 18.08
C GLN A 27 -12.15 -6.40 18.38
N HIS A 28 -11.92 -6.65 19.66
CA HIS A 28 -10.65 -7.22 20.10
C HIS A 28 -10.40 -8.62 19.52
N GLY A 29 -11.46 -9.39 19.35
CA GLY A 29 -11.32 -10.73 18.82
C GLY A 29 -10.97 -10.79 17.33
N PHE A 30 -11.51 -9.84 16.55
CA PHE A 30 -11.20 -9.78 15.14
C PHE A 30 -9.72 -9.51 14.96
N SER A 31 -9.18 -8.64 15.81
CA SER A 31 -7.80 -8.25 15.70
C SER A 31 -6.92 -9.42 16.05
N GLU A 32 -7.34 -10.13 17.08
CA GLU A 32 -6.65 -11.31 17.57
C GLU A 32 -6.63 -12.40 16.50
N ASP A 33 -7.79 -12.68 15.91
CA ASP A 33 -7.88 -13.65 14.83
C ASP A 33 -7.00 -13.27 13.65
N PHE A 34 -7.13 -12.02 13.19
CA PHE A 34 -6.46 -11.66 11.95
C PHE A 34 -4.96 -11.73 12.11
N GLU A 35 -4.47 -11.40 13.31
CA GLU A 35 -3.05 -11.48 13.57
C GLU A 35 -2.58 -12.93 13.57
N GLU A 36 -3.44 -13.83 14.02
CA GLU A 36 -3.14 -15.24 13.94
C GLU A 36 -2.98 -15.61 12.47
N VAL A 37 -3.94 -15.20 11.66
CA VAL A 37 -3.90 -15.49 10.24
C VAL A 37 -2.65 -14.92 9.57
N GLN A 38 -2.21 -13.73 10.00
CA GLN A 38 -1.10 -13.07 9.33
C GLN A 38 0.21 -13.78 9.64
N ARG A 39 0.24 -14.51 10.75
CA ARG A 39 1.46 -15.21 11.16
C ARG A 39 1.49 -16.66 10.69
N CYS A 40 0.34 -17.23 10.42
CA CYS A 40 0.21 -18.69 10.43
C CYS A 40 1.12 -19.46 9.46
N THR A 41 1.66 -18.80 8.43
CA THR A 41 2.57 -19.50 7.51
C THR A 41 4.02 -19.00 7.60
N ALA A 42 4.27 -18.07 8.51
CA ALA A 42 5.53 -17.32 8.56
C ALA A 42 6.80 -18.17 8.63
N ASP A 43 6.69 -19.41 9.10
CA ASP A 43 7.87 -20.25 9.30
C ASP A 43 7.89 -21.44 8.36
N MET A 44 6.97 -21.44 7.40
CA MET A 44 6.79 -22.57 6.51
C MET A 44 7.69 -22.50 5.29
N ASN A 45 8.45 -21.43 5.18
CA ASN A 45 9.41 -21.27 4.10
C ASN A 45 8.81 -21.67 2.75
N ILE A 46 7.51 -21.41 2.58
CA ILE A 46 6.79 -21.75 1.36
C ILE A 46 7.41 -20.95 0.22
N THR A 47 7.89 -21.64 -0.81
CA THR A 47 8.69 -20.99 -1.84
C THR A 47 7.87 -20.51 -3.02
N ALA A 48 8.40 -19.51 -3.73
CA ALA A 48 7.84 -19.04 -4.98
C ALA A 48 8.95 -18.64 -5.95
N GLU A 49 9.75 -19.61 -6.37
CA GLU A 49 10.95 -19.33 -7.15
C GLU A 49 10.59 -18.89 -8.56
N HIS A 50 9.52 -19.45 -9.10
CA HIS A 50 9.09 -19.09 -10.44
C HIS A 50 8.59 -17.65 -10.55
N SER A 51 7.88 -17.18 -9.54
CA SER A 51 7.37 -15.82 -9.52
C SER A 51 8.51 -14.83 -9.44
N ASN A 52 9.60 -15.26 -8.82
CA ASN A 52 10.73 -14.38 -8.60
C ASN A 52 11.74 -14.45 -9.75
N HIS A 53 11.77 -15.57 -10.44
CA HIS A 53 12.69 -15.72 -11.56
C HIS A 53 12.52 -14.56 -12.54
N PRO A 54 13.63 -13.93 -12.93
CA PRO A 54 13.66 -12.66 -13.67
C PRO A 54 12.87 -12.65 -14.97
N GLU A 55 12.79 -13.80 -15.63
CA GLU A 55 12.08 -13.89 -16.90
C GLU A 55 10.57 -13.85 -16.69
N ASN A 56 10.14 -13.93 -15.44
CA ASN A 56 8.73 -13.87 -15.12
C ASN A 56 8.34 -12.59 -14.38
N LYS A 57 9.25 -11.63 -14.32
CA LYS A 57 9.01 -10.40 -13.57
C LYS A 57 7.87 -9.56 -14.11
N HIS A 58 7.81 -9.48 -15.44
CA HIS A 58 6.82 -8.65 -16.10
C HIS A 58 5.48 -9.35 -16.12
N LYS A 59 5.48 -10.63 -15.74
CA LYS A 59 4.25 -11.41 -15.70
C LYS A 59 3.46 -11.20 -14.40
N ASN A 60 4.10 -10.60 -13.39
CA ASN A 60 3.49 -10.32 -12.09
C ASN A 60 2.96 -8.89 -12.00
N ARG A 61 1.73 -8.74 -11.55
CA ARG A 61 1.15 -7.40 -11.44
C ARG A 61 1.83 -6.62 -10.32
N TYR A 62 2.04 -7.26 -9.18
CA TYR A 62 2.82 -6.65 -8.10
C TYR A 62 4.04 -7.48 -7.80
N ILE A 63 5.20 -6.82 -7.75
CA ILE A 63 6.46 -7.52 -7.54
C ILE A 63 6.47 -8.27 -6.21
N ASN A 64 5.62 -7.87 -5.28
CA ASN A 64 5.61 -8.51 -3.96
C ASN A 64 4.41 -9.40 -3.69
N ILE A 65 3.55 -9.57 -4.69
CA ILE A 65 2.44 -10.51 -4.58
C ILE A 65 2.70 -11.72 -5.45
N LEU A 66 2.99 -12.86 -4.82
CA LEU A 66 3.60 -13.99 -5.50
C LEU A 66 2.65 -15.17 -5.58
N ALA A 67 3.05 -16.22 -6.30
CA ALA A 67 2.26 -17.44 -6.36
C ALA A 67 3.10 -18.62 -5.88
N TYR A 68 2.71 -19.23 -4.76
CA TYR A 68 3.52 -20.28 -4.17
C TYR A 68 3.73 -21.36 -5.22
N ASP A 69 4.91 -21.98 -5.19
CA ASP A 69 5.27 -22.96 -6.21
C ASP A 69 4.43 -24.22 -6.14
N HIS A 70 4.10 -24.65 -4.94
CA HIS A 70 3.46 -25.94 -4.76
C HIS A 70 2.00 -25.94 -5.21
N SER A 71 1.38 -24.78 -5.27
CA SER A 71 -0.03 -24.71 -5.64
C SER A 71 -0.26 -23.87 -6.89
N ARG A 72 0.82 -23.46 -7.55
CA ARG A 72 0.66 -22.59 -8.70
C ARG A 72 -0.01 -23.33 -9.84
N VAL A 73 -0.79 -22.62 -10.64
CA VAL A 73 -1.36 -23.23 -11.83
C VAL A 73 -0.32 -23.17 -12.93
N LYS A 74 0.03 -24.34 -13.46
CA LYS A 74 1.08 -24.43 -14.47
C LYS A 74 0.47 -24.34 -15.86
N LEU A 75 1.07 -23.54 -16.73
CA LEU A 75 0.71 -23.58 -18.14
C LEU A 75 1.50 -24.72 -18.78
N ARG A 76 0.89 -25.41 -19.73
CA ARG A 76 1.62 -26.37 -20.55
C ARG A 76 2.74 -25.65 -21.27
N PRO A 77 3.91 -26.27 -21.35
CA PRO A 77 5.10 -25.67 -21.97
C PRO A 77 4.91 -25.32 -23.45
N LEU A 78 5.66 -24.33 -23.92
CA LEU A 78 5.55 -23.87 -25.30
C LEU A 78 6.91 -23.82 -26.00
N PRO A 79 6.92 -24.04 -27.33
CA PRO A 79 8.15 -24.08 -28.13
C PRO A 79 8.84 -22.73 -28.33
N GLY A 80 10.15 -22.71 -28.15
CA GLY A 80 10.92 -21.49 -28.35
C GLY A 80 11.77 -21.08 -27.16
N SER A 83 10.33 -20.42 -24.87
CA SER A 83 10.84 -20.13 -23.54
C SER A 83 10.54 -21.29 -22.58
N LYS A 84 11.36 -21.42 -21.55
CA LYS A 84 11.21 -22.51 -20.58
C LYS A 84 10.26 -22.12 -19.45
N HIS A 85 9.96 -20.83 -19.36
CA HIS A 85 9.05 -20.33 -18.33
C HIS A 85 7.68 -19.98 -18.92
N SER A 86 7.49 -20.38 -20.17
CA SER A 86 6.20 -20.26 -20.83
C SER A 86 5.10 -20.93 -20.01
N ASP A 87 5.49 -21.61 -18.94
CA ASP A 87 4.53 -22.37 -18.12
C ASP A 87 3.99 -21.56 -16.93
N TYR A 88 4.52 -20.35 -16.73
CA TYR A 88 4.22 -19.59 -15.52
C TYR A 88 3.08 -18.58 -15.63
N ILE A 89 2.14 -18.65 -14.70
CA ILE A 89 1.19 -17.57 -14.48
C ILE A 89 0.97 -17.29 -13.00
N ASN A 90 0.87 -16.01 -12.65
CA ASN A 90 0.63 -15.64 -11.26
C ASN A 90 -0.79 -16.07 -10.87
N ALA A 91 -0.93 -17.36 -10.56
CA ALA A 91 -2.23 -17.96 -10.25
C ALA A 91 -2.04 -19.14 -9.32
N ASN A 92 -3.03 -19.43 -8.50
CA ASN A 92 -2.93 -20.54 -7.54
C ASN A 92 -4.22 -21.30 -7.41
N TYR A 93 -4.12 -22.62 -7.35
CA TYR A 93 -5.24 -23.43 -6.90
C TYR A 93 -5.55 -23.13 -5.43
N VAL A 94 -6.82 -22.95 -5.13
CA VAL A 94 -7.29 -22.72 -3.76
C VAL A 94 -8.50 -23.61 -3.48
N ASP A 95 -8.53 -24.21 -2.31
CA ASP A 95 -9.58 -25.16 -1.99
C ASP A 95 -10.87 -24.42 -1.66
N GLY A 96 -11.99 -25.02 -2.04
CA GLY A 96 -13.27 -24.56 -1.56
C GLY A 96 -13.84 -25.53 -0.54
N TYR A 97 -15.16 -25.51 -0.36
CA TYR A 97 -15.77 -26.41 0.61
C TYR A 97 -15.91 -27.83 0.08
N ASN A 98 -15.31 -28.79 0.77
CA ASN A 98 -15.39 -30.20 0.37
C ASN A 98 -15.04 -30.40 -1.12
N LYS A 99 -13.97 -29.78 -1.57
CA LYS A 99 -13.54 -29.96 -2.95
C LYS A 99 -12.22 -29.23 -3.15
N ALA A 100 -11.16 -29.98 -3.34
CA ALA A 100 -9.84 -29.38 -3.51
C ALA A 100 -9.78 -28.65 -4.85
N LYS A 101 -9.06 -27.53 -4.88
CA LYS A 101 -8.89 -26.79 -6.12
C LYS A 101 -10.23 -26.41 -6.76
N ALA A 102 -11.14 -25.91 -5.92
CA ALA A 102 -12.40 -25.39 -6.39
C ALA A 102 -12.20 -24.05 -7.10
N TYR A 103 -11.10 -23.36 -6.80
CA TYR A 103 -10.84 -22.07 -7.41
C TYR A 103 -9.42 -21.96 -7.91
N ILE A 104 -9.26 -21.13 -8.93
CA ILE A 104 -7.97 -20.56 -9.28
C ILE A 104 -8.02 -19.11 -8.85
N ALA A 105 -7.12 -18.71 -7.95
CA ALA A 105 -7.03 -17.32 -7.53
C ALA A 105 -5.86 -16.67 -8.26
N THR A 106 -6.13 -15.59 -8.98
CA THR A 106 -5.12 -14.99 -9.82
C THR A 106 -5.25 -13.47 -9.81
N GLN A 107 -4.16 -12.80 -10.13
CA GLN A 107 -4.12 -11.35 -10.25
C GLN A 107 -4.98 -10.96 -11.46
N GLY A 108 -5.41 -9.70 -11.48
CA GLY A 108 -5.93 -9.12 -12.70
C GLY A 108 -4.84 -9.16 -13.76
N PRO A 109 -5.14 -9.75 -14.92
CA PRO A 109 -4.22 -9.93 -16.05
C PRO A 109 -3.58 -8.63 -16.56
N LEU A 110 -2.31 -8.70 -16.91
CA LEU A 110 -1.63 -7.62 -17.62
C LEU A 110 -1.81 -7.84 -19.12
N LYS A 111 -1.76 -6.75 -19.90
CA LYS A 111 -1.78 -6.90 -21.35
C LYS A 111 -0.74 -7.92 -21.82
N SER A 112 0.43 -7.92 -21.19
CA SER A 112 1.46 -8.90 -21.51
C SER A 112 1.10 -10.34 -21.10
N THR A 113 0.15 -10.51 -20.18
CA THR A 113 -0.27 -11.85 -19.78
C THR A 113 -1.67 -12.23 -20.29
N PHE A 114 -2.21 -11.51 -21.26
CA PHE A 114 -3.53 -11.85 -21.78
C PHE A 114 -3.59 -13.24 -22.40
N GLU A 115 -2.59 -13.60 -23.20
CA GLU A 115 -2.57 -14.91 -23.83
C GLU A 115 -2.49 -16.02 -22.79
N ASP A 116 -1.54 -15.86 -21.88
CA ASP A 116 -1.35 -16.82 -20.79
C ASP A 116 -2.65 -17.01 -20.02
N PHE A 117 -3.37 -15.90 -19.84
CA PHE A 117 -4.63 -15.91 -19.10
C PHE A 117 -5.71 -16.77 -19.75
N TRP A 118 -5.98 -16.54 -21.03
CA TRP A 118 -6.96 -17.39 -21.72
C TRP A 118 -6.50 -18.83 -21.91
N ARG A 119 -5.21 -19.03 -22.17
CA ARG A 119 -4.70 -20.39 -22.31
C ARG A 119 -4.89 -21.16 -20.99
N MET A 120 -4.77 -20.47 -19.86
CA MET A 120 -5.03 -21.12 -18.56
C MET A 120 -6.49 -21.51 -18.48
N ILE A 121 -7.38 -20.56 -18.77
CA ILE A 121 -8.81 -20.84 -18.84
C ILE A 121 -9.12 -21.99 -19.79
N TRP A 122 -8.43 -22.04 -20.93
CA TRP A 122 -8.66 -23.13 -21.85
C TRP A 122 -8.13 -24.44 -21.24
N GLU A 123 -6.87 -24.42 -20.83
CA GLU A 123 -6.21 -25.61 -20.32
C GLU A 123 -6.81 -26.12 -19.02
N GLN A 124 -7.46 -25.25 -18.25
CA GLN A 124 -8.07 -25.69 -16.99
C GLN A 124 -9.54 -26.06 -17.14
N ASN A 125 -10.10 -25.85 -18.33
CA ASN A 125 -11.49 -26.19 -18.56
C ASN A 125 -12.35 -25.33 -17.61
N THR A 126 -12.02 -24.04 -17.55
CA THR A 126 -12.75 -23.08 -16.72
C THR A 126 -13.97 -22.52 -17.45
N GLY A 127 -15.09 -22.45 -16.73
CA GLY A 127 -16.32 -21.97 -17.32
C GLY A 127 -16.82 -20.67 -16.70
N ILE A 128 -16.49 -20.46 -15.43
CA ILE A 128 -16.91 -19.24 -14.72
C ILE A 128 -15.72 -18.38 -14.36
N ILE A 129 -15.80 -17.09 -14.71
CA ILE A 129 -14.87 -16.08 -14.21
C ILE A 129 -15.57 -15.16 -13.22
N VAL A 130 -14.94 -14.93 -12.07
CA VAL A 130 -15.41 -13.94 -11.11
C VAL A 130 -14.40 -12.79 -11.04
N MET A 131 -14.86 -11.59 -11.35
CA MET A 131 -14.01 -10.39 -11.34
C MET A 131 -14.55 -9.43 -10.28
N ILE A 132 -13.74 -9.18 -9.26
CA ILE A 132 -14.19 -8.41 -8.10
C ILE A 132 -13.41 -7.11 -8.05
N THR A 133 -13.48 -6.33 -9.13
CA THR A 133 -12.74 -5.08 -9.21
C THR A 133 -13.22 -4.36 -10.46
N ASN A 134 -13.12 -3.04 -10.48
CA ASN A 134 -13.24 -2.27 -11.72
C ASN A 134 -11.87 -2.13 -12.37
N LEU A 135 -11.83 -1.84 -13.67
CA LEU A 135 -10.55 -1.71 -14.38
C LEU A 135 -9.68 -0.60 -13.79
N VAL A 136 -10.31 0.53 -13.51
CA VAL A 136 -9.67 1.61 -12.78
C VAL A 136 -10.49 1.93 -11.53
N GLU A 137 -9.82 2.26 -10.43
CA GLU A 137 -10.50 2.67 -9.21
C GLU A 137 -9.77 3.85 -8.55
N LYS A 138 -10.50 4.94 -8.35
CA LYS A 138 -9.92 6.14 -7.74
C LYS A 138 -8.66 6.57 -8.51
N GLY A 139 -8.79 6.75 -9.82
CA GLY A 139 -7.65 7.16 -10.63
C GLY A 139 -6.61 6.08 -10.90
N ARG A 140 -6.64 5.00 -10.12
CA ARG A 140 -5.55 4.04 -10.12
C ARG A 140 -5.92 2.77 -10.91
N ARG A 141 -5.01 2.32 -11.77
CA ARG A 141 -5.27 1.18 -12.64
C ARG A 141 -5.16 -0.14 -11.87
N LYS A 142 -6.24 -0.93 -11.89
CA LYS A 142 -6.32 -2.12 -11.03
C LYS A 142 -6.21 -3.40 -11.84
N CYS A 143 -6.72 -3.36 -13.06
CA CYS A 143 -6.76 -4.52 -13.94
C CYS A 143 -6.86 -4.00 -15.37
N ASP A 144 -6.30 -4.74 -16.32
CA ASP A 144 -6.43 -4.40 -17.75
C ASP A 144 -7.55 -5.21 -18.38
N GLN A 145 -8.19 -4.66 -19.41
CA GLN A 145 -9.37 -5.29 -19.99
C GLN A 145 -8.98 -6.43 -20.93
N TYR A 146 -9.23 -7.65 -20.49
CA TYR A 146 -8.73 -8.83 -21.18
C TYR A 146 -9.79 -9.46 -22.07
N TRP A 147 -10.91 -8.75 -22.25
CA TRP A 147 -12.02 -9.25 -23.04
C TRP A 147 -12.48 -8.18 -24.03
N PRO A 148 -12.95 -8.61 -25.21
CA PRO A 148 -13.39 -7.67 -26.25
C PRO A 148 -14.59 -6.83 -25.84
N THR A 149 -14.48 -5.53 -26.03
CA THR A 149 -15.55 -4.60 -25.69
C THR A 149 -16.81 -5.00 -26.46
N GLU A 150 -16.61 -5.66 -27.60
CA GLU A 150 -17.72 -6.17 -28.39
C GLU A 150 -17.19 -7.13 -29.47
N ASN A 151 -18.06 -8.01 -29.92
CA ASN A 151 -17.71 -8.99 -30.95
C ASN A 151 -16.61 -9.93 -30.50
N SER A 152 -15.53 -9.96 -31.27
CA SER A 152 -14.48 -10.94 -31.06
C SER A 152 -13.10 -10.32 -30.91
N GLU A 153 -12.26 -10.99 -30.15
CA GLU A 153 -10.85 -10.60 -30.01
C GLU A 153 -10.01 -11.87 -29.96
N GLU A 154 -8.76 -11.75 -30.35
CA GLU A 154 -7.87 -12.90 -30.45
C GLU A 154 -6.74 -12.76 -29.43
N TYR A 155 -6.56 -13.78 -28.60
CA TYR A 155 -5.43 -13.79 -27.67
C TYR A 155 -4.60 -15.07 -27.88
N GLY A 156 -3.45 -14.92 -28.54
CA GLY A 156 -2.78 -16.09 -29.07
C GLY A 156 -3.74 -16.97 -29.87
N ASN A 157 -3.86 -18.24 -29.48
CA ASN A 157 -4.67 -19.20 -30.20
C ASN A 157 -6.13 -19.23 -29.78
N ILE A 158 -6.45 -18.61 -28.65
CA ILE A 158 -7.84 -18.49 -28.25
C ILE A 158 -8.47 -17.22 -28.79
N ILE A 159 -9.59 -17.39 -29.49
CA ILE A 159 -10.37 -16.26 -29.95
C ILE A 159 -11.58 -16.15 -29.02
N VAL A 160 -11.78 -14.96 -28.46
CA VAL A 160 -12.84 -14.73 -27.50
C VAL A 160 -13.91 -13.84 -28.12
N THR A 161 -15.15 -14.33 -28.16
CA THR A 161 -16.25 -13.54 -28.69
C THR A 161 -17.29 -13.24 -27.62
N LEU A 162 -17.66 -11.97 -27.51
CA LEU A 162 -18.68 -11.52 -26.55
C LEU A 162 -20.06 -11.82 -27.12
N LYS A 163 -20.85 -12.58 -26.39
CA LYS A 163 -22.15 -13.00 -26.90
C LYS A 163 -23.28 -12.22 -26.25
N SER A 164 -23.15 -11.92 -24.95
CA SER A 164 -24.17 -11.14 -24.26
C SER A 164 -23.63 -10.38 -23.06
N THR A 165 -24.30 -9.28 -22.74
CA THR A 165 -23.98 -8.47 -21.57
C THR A 165 -25.26 -8.16 -20.84
N LYS A 166 -25.32 -8.52 -19.57
CA LYS A 166 -26.45 -8.10 -18.74
C LYS A 166 -25.90 -7.21 -17.63
N ILE A 167 -26.39 -5.98 -17.57
CA ILE A 167 -25.97 -5.07 -16.51
C ILE A 167 -27.01 -5.12 -15.38
N HIS A 168 -26.53 -5.39 -14.17
CA HIS A 168 -27.37 -5.30 -12.97
C HIS A 168 -26.87 -4.14 -12.14
N ALA A 169 -27.57 -3.85 -11.05
CA ALA A 169 -27.29 -2.66 -10.27
C ALA A 169 -25.89 -2.69 -9.66
N CYS A 170 -25.46 -3.88 -9.27
CA CYS A 170 -24.22 -4.02 -8.51
C CYS A 170 -23.16 -4.81 -9.24
N TYR A 171 -23.54 -5.41 -10.35
CA TYR A 171 -22.61 -6.24 -11.09
C TYR A 171 -23.11 -6.50 -12.50
N THR A 172 -22.20 -6.89 -13.38
CA THR A 172 -22.55 -7.19 -14.74
C THR A 172 -22.21 -8.63 -15.08
N VAL A 173 -23.00 -9.23 -15.96
CA VAL A 173 -22.68 -10.57 -16.44
C VAL A 173 -22.42 -10.55 -17.94
N ARG A 174 -21.32 -11.19 -18.35
CA ARG A 174 -20.96 -11.29 -19.75
C ARG A 174 -20.77 -12.74 -20.17
N ARG A 175 -21.45 -13.14 -21.25
CA ARG A 175 -21.30 -14.48 -21.80
C ARG A 175 -20.34 -14.44 -23.01
N PHE A 176 -19.27 -15.21 -22.92
CA PHE A 176 -18.32 -15.30 -24.03
C PHE A 176 -18.38 -16.71 -24.60
N SER A 177 -17.91 -16.85 -25.84
CA SER A 177 -17.57 -18.17 -26.34
C SER A 177 -16.10 -18.13 -26.69
N ILE A 178 -15.38 -19.19 -26.35
CA ILE A 178 -13.99 -19.27 -26.73
C ILE A 178 -13.76 -20.48 -27.62
N ARG A 179 -12.93 -20.29 -28.65
CA ARG A 179 -12.54 -21.39 -29.52
C ARG A 179 -11.02 -21.44 -29.59
N ASN A 180 -10.48 -22.64 -29.54
CA ASN A 180 -9.05 -22.80 -29.71
C ASN A 180 -8.74 -23.00 -31.19
N THR A 181 -7.84 -22.19 -31.73
CA THR A 181 -7.42 -22.36 -33.11
C THR A 181 -6.16 -23.20 -33.15
N LYS A 182 -6.01 -24.07 -32.16
CA LYS A 182 -4.98 -25.11 -32.16
C LYS A 182 -3.66 -24.62 -32.75
N ASN A 196 -16.65 -20.91 -32.22
CA ASN A 196 -17.12 -21.14 -30.86
C ASN A 196 -17.11 -22.63 -30.47
N GLU A 197 -16.41 -22.96 -29.40
CA GLU A 197 -16.41 -24.34 -28.89
C GLU A 197 -16.84 -24.42 -27.42
N ARG A 198 -16.53 -23.40 -26.62
CA ARG A 198 -16.87 -23.40 -25.20
C ARG A 198 -17.52 -22.12 -24.67
N VAL A 199 -18.30 -22.28 -23.61
CA VAL A 199 -18.92 -21.15 -22.94
C VAL A 199 -18.17 -20.76 -21.67
N VAL A 200 -17.73 -19.51 -21.61
CA VAL A 200 -17.19 -18.94 -20.38
C VAL A 200 -18.05 -17.75 -19.95
N ILE A 201 -18.60 -17.81 -18.74
CA ILE A 201 -19.39 -16.71 -18.22
C ILE A 201 -18.62 -15.93 -17.14
N GLN A 202 -18.62 -14.61 -17.29
CA GLN A 202 -17.90 -13.72 -16.41
C GLN A 202 -18.87 -12.93 -15.55
N TYR A 203 -18.73 -13.07 -14.23
CA TYR A 203 -19.46 -12.31 -13.22
C TYR A 203 -18.57 -11.20 -12.65
N HIS A 204 -18.94 -9.96 -12.91
CA HIS A 204 -18.07 -8.81 -12.70
C HIS A 204 -18.79 -7.88 -11.75
N TYR A 205 -18.35 -7.88 -10.49
CA TYR A 205 -18.95 -7.03 -9.47
C TYR A 205 -18.49 -5.59 -9.70
N THR A 206 -19.43 -4.68 -9.88
CA THR A 206 -19.07 -3.34 -10.29
C THR A 206 -19.18 -2.23 -9.24
N GLN A 207 -19.82 -2.51 -8.11
N GLN A 207 -19.88 -2.49 -8.15
CA GLN A 207 -20.07 -1.47 -7.11
CA GLN A 207 -20.20 -1.41 -7.20
C GLN A 207 -19.21 -1.55 -5.84
C GLN A 207 -19.03 -1.09 -6.27
N TRP A 208 -17.98 -2.05 -5.96
N TRP A 208 -18.32 -0.01 -6.58
CA TRP A 208 -17.05 -2.05 -4.84
CA TRP A 208 -17.16 0.40 -5.79
C TRP A 208 -16.38 -0.67 -4.72
C TRP A 208 -17.18 1.91 -5.54
N PRO A 209 -16.35 -0.11 -3.50
N PRO A 209 -17.49 2.32 -4.30
CA PRO A 209 -15.77 1.21 -3.20
CA PRO A 209 -17.67 3.73 -3.93
C PRO A 209 -14.24 1.30 -3.40
C PRO A 209 -16.41 4.57 -4.13
N ASP A 210 -13.76 2.52 -3.67
N ASP A 210 -16.58 5.89 -4.16
CA ASP A 210 -12.33 2.79 -3.80
CA ASP A 210 -15.48 6.81 -4.37
C ASP A 210 -11.59 2.36 -2.53
C ASP A 210 -14.53 6.80 -3.17
N MET A 211 -12.09 2.80 -1.39
N MET A 211 -15.04 6.34 -2.04
CA MET A 211 -11.37 2.67 -0.13
CA MET A 211 -14.23 6.21 -0.83
C MET A 211 -12.18 1.88 0.88
C MET A 211 -14.83 5.10 0.03
N GLY A 212 -11.69 0.69 1.23
N GLY A 212 -14.14 4.78 1.13
CA GLY A 212 -12.39 -0.12 2.21
CA GLY A 212 -14.65 3.77 2.03
C GLY A 212 -13.34 -1.14 1.61
C GLY A 212 -14.70 2.39 1.42
N VAL A 213 -14.28 -1.62 2.43
N VAL A 213 -15.58 1.54 1.94
CA VAL A 213 -15.20 -2.69 2.04
CA VAL A 213 -15.68 0.15 1.51
C VAL A 213 -16.66 -2.18 2.00
C VAL A 213 -17.15 -0.29 1.46
N PRO A 214 -17.53 -2.86 1.21
N PRO A 214 -17.42 -1.47 0.87
CA PRO A 214 -18.91 -2.43 0.95
CA PRO A 214 -18.80 -1.98 0.82
C PRO A 214 -19.75 -2.27 2.21
C PRO A 214 -19.48 -2.00 2.18
N GLU A 215 -20.53 -1.19 2.28
CA GLU A 215 -21.19 -0.86 3.54
C GLU A 215 -22.33 -1.86 3.84
N TYR A 216 -22.90 -2.42 2.79
CA TYR A 216 -24.00 -3.37 2.91
C TYR A 216 -23.59 -4.70 2.26
N ALA A 217 -23.78 -5.79 2.98
CA ALA A 217 -23.33 -7.09 2.50
C ALA A 217 -24.36 -7.75 1.56
N LEU A 218 -25.60 -7.27 1.61
CA LEU A 218 -26.66 -7.89 0.80
C LEU A 218 -26.30 -8.02 -0.68
N PRO A 219 -25.85 -6.93 -1.32
CA PRO A 219 -25.55 -6.96 -2.76
C PRO A 219 -24.46 -7.96 -3.06
N VAL A 220 -23.51 -8.08 -2.14
CA VAL A 220 -22.39 -8.99 -2.33
C VAL A 220 -22.86 -10.43 -2.15
N LEU A 221 -23.77 -10.66 -1.20
CA LEU A 221 -24.31 -12.00 -0.97
C LEU A 221 -25.09 -12.47 -2.18
N THR A 222 -25.80 -11.55 -2.82
CA THR A 222 -26.53 -11.89 -4.03
C THR A 222 -25.54 -12.22 -5.16
N PHE A 223 -24.47 -11.44 -5.24
CA PHE A 223 -23.44 -11.68 -6.25
C PHE A 223 -22.76 -13.02 -6.04
N VAL A 224 -22.42 -13.32 -4.79
CA VAL A 224 -21.78 -14.58 -4.42
C VAL A 224 -22.66 -15.78 -4.75
N ARG A 225 -23.91 -15.74 -4.29
CA ARG A 225 -24.83 -16.85 -4.50
C ARG A 225 -25.05 -17.11 -5.98
N ARG A 226 -25.20 -16.06 -6.78
CA ARG A 226 -25.54 -16.27 -8.17
C ARG A 226 -24.33 -16.74 -8.96
N SER A 227 -23.17 -16.17 -8.69
CA SER A 227 -21.97 -16.56 -9.42
C SER A 227 -21.51 -17.95 -8.98
N SER A 228 -21.93 -18.37 -7.79
CA SER A 228 -21.61 -19.70 -7.30
C SER A 228 -22.48 -20.79 -7.95
N ALA A 229 -23.77 -20.54 -7.99
CA ALA A 229 -24.72 -21.45 -8.64
C ALA A 229 -24.42 -21.64 -10.13
N ALA A 230 -23.81 -20.66 -10.77
CA ALA A 230 -23.51 -20.76 -12.20
C ALA A 230 -22.48 -21.85 -12.48
N ARG A 231 -21.83 -22.31 -11.42
CA ARG A 231 -20.79 -23.33 -11.53
C ARG A 231 -21.42 -24.67 -11.90
N MET A 232 -21.25 -25.07 -13.15
CA MET A 232 -21.86 -26.31 -13.63
C MET A 232 -20.95 -27.52 -13.40
N PRO A 233 -21.58 -28.67 -13.10
CA PRO A 233 -20.88 -29.96 -12.99
C PRO A 233 -20.45 -30.54 -14.33
N GLU A 234 -19.40 -31.33 -14.31
CA GLU A 234 -18.35 -31.12 -13.33
C GLU A 234 -17.18 -30.55 -14.10
N THR A 235 -17.01 -29.24 -13.97
CA THR A 235 -16.16 -28.45 -14.87
C THR A 235 -14.89 -28.04 -14.14
N GLY A 236 -14.05 -27.26 -14.81
CA GLY A 236 -12.81 -26.82 -14.19
C GLY A 236 -13.04 -25.91 -12.98
N PRO A 237 -11.96 -25.50 -12.30
CA PRO A 237 -12.04 -24.56 -11.19
C PRO A 237 -12.60 -23.21 -11.65
N VAL A 238 -13.40 -22.59 -10.79
CA VAL A 238 -13.86 -21.23 -10.99
C VAL A 238 -12.70 -20.26 -10.78
N LEU A 239 -12.46 -19.41 -11.77
CA LEU A 239 -11.37 -18.45 -11.71
C LEU A 239 -11.88 -17.19 -11.02
N VAL A 240 -11.19 -16.80 -9.96
CA VAL A 240 -11.53 -15.61 -9.19
C VAL A 240 -10.34 -14.65 -9.15
N HIS A 241 -10.54 -13.41 -9.55
CA HIS A 241 -9.49 -12.41 -9.50
C HIS A 241 -10.04 -11.06 -9.09
N CYS A 242 -9.15 -10.21 -8.60
CA CYS A 242 -9.47 -8.82 -8.36
C CYS A 242 -8.33 -8.04 -8.96
N SER A 243 -7.53 -7.41 -8.12
CA SER A 243 -6.37 -6.72 -8.64
C SER A 243 -5.14 -7.60 -8.46
N ALA A 244 -4.77 -7.81 -7.21
CA ALA A 244 -3.60 -8.63 -6.89
C ALA A 244 -4.07 -10.08 -6.73
N GLY A 245 -5.38 -10.26 -6.59
CA GLY A 245 -5.92 -11.59 -6.42
C GLY A 245 -5.63 -12.16 -5.05
N VAL A 246 -5.71 -11.33 -4.02
CA VAL A 246 -5.49 -11.82 -2.67
C VAL A 246 -6.56 -11.32 -1.72
N GLY A 247 -6.86 -10.03 -1.81
CA GLY A 247 -7.80 -9.42 -0.88
C GLY A 247 -9.24 -9.79 -1.12
N ARG A 248 -9.83 -9.18 -2.13
CA ARG A 248 -11.24 -9.37 -2.41
C ARG A 248 -11.45 -10.78 -2.92
N THR A 249 -10.46 -11.30 -3.65
CA THR A 249 -10.51 -12.66 -4.14
C THR A 249 -10.67 -13.61 -2.97
N GLY A 250 -9.79 -13.50 -1.98
CA GLY A 250 -9.91 -14.31 -0.79
C GLY A 250 -11.23 -14.12 -0.07
N THR A 251 -11.71 -12.89 0.01
CA THR A 251 -12.95 -12.60 0.71
C THR A 251 -14.09 -13.36 0.04
N TYR A 252 -14.08 -13.37 -1.29
CA TYR A 252 -15.12 -14.07 -2.05
C TYR A 252 -15.07 -15.58 -1.79
N ILE A 253 -13.87 -16.15 -1.86
CA ILE A 253 -13.67 -17.57 -1.65
C ILE A 253 -14.10 -18.04 -0.27
N VAL A 254 -13.79 -17.25 0.75
CA VAL A 254 -14.20 -17.61 2.09
C VAL A 254 -15.72 -17.55 2.23
N ILE A 255 -16.33 -16.45 1.82
CA ILE A 255 -17.78 -16.33 1.93
C ILE A 255 -18.49 -17.44 1.16
N ASP A 256 -18.02 -17.75 -0.04
CA ASP A 256 -18.65 -18.78 -0.85
C ASP A 256 -18.57 -20.13 -0.15
N SER A 257 -17.36 -20.52 0.25
CA SER A 257 -17.15 -21.81 0.91
C SER A 257 -18.01 -21.97 2.17
N MET A 258 -18.09 -20.90 2.96
CA MET A 258 -18.81 -20.97 4.23
C MET A 258 -20.33 -20.98 4.05
N LEU A 259 -20.81 -20.29 3.01
CA LEU A 259 -22.22 -20.39 2.69
C LEU A 259 -22.52 -21.84 2.41
N GLN A 260 -21.68 -22.47 1.60
CA GLN A 260 -21.87 -23.88 1.26
C GLN A 260 -21.76 -24.83 2.44
N GLN A 261 -20.88 -24.51 3.37
CA GLN A 261 -20.79 -25.32 4.57
C GLN A 261 -22.08 -25.13 5.38
N ILE A 262 -22.56 -23.89 5.40
CA ILE A 262 -23.78 -23.60 6.13
C ILE A 262 -24.98 -24.37 5.56
N LYS A 263 -25.13 -24.36 4.23
CA LYS A 263 -26.24 -25.06 3.60
C LYS A 263 -26.12 -26.57 3.87
N ASP A 264 -24.88 -27.04 3.90
CA ASP A 264 -24.61 -28.46 3.98
C ASP A 264 -24.66 -29.04 5.39
N LYS A 265 -23.98 -28.39 6.33
CA LYS A 265 -23.84 -28.94 7.69
C LYS A 265 -24.42 -28.00 8.75
N SER A 266 -24.82 -26.80 8.35
CA SER A 266 -25.19 -25.77 9.29
C SER A 266 -24.09 -25.52 10.31
N THR A 267 -22.85 -25.58 9.82
CA THR A 267 -21.70 -25.23 10.63
C THR A 267 -20.87 -24.20 9.86
N VAL A 268 -19.98 -23.53 10.58
CA VAL A 268 -19.09 -22.55 9.99
C VAL A 268 -17.73 -22.69 10.64
N ASN A 269 -16.65 -22.49 9.88
CA ASN A 269 -15.34 -22.27 10.49
C ASN A 269 -14.45 -21.37 9.64
N VAL A 270 -14.60 -20.06 9.84
CA VAL A 270 -13.90 -19.08 9.02
C VAL A 270 -12.41 -19.10 9.23
N LEU A 271 -11.99 -19.12 10.49
CA LEU A 271 -10.59 -18.95 10.88
C LEU A 271 -9.77 -20.14 10.40
N GLY A 272 -10.32 -21.33 10.57
CA GLY A 272 -9.59 -22.54 10.21
C GLY A 272 -9.49 -22.71 8.71
N PHE A 273 -10.56 -22.38 8.00
CA PHE A 273 -10.56 -22.45 6.55
C PHE A 273 -9.55 -21.42 6.03
N LEU A 274 -9.63 -20.19 6.54
CA LEU A 274 -8.75 -19.13 6.07
C LEU A 274 -7.28 -19.44 6.31
N LYS A 275 -6.94 -19.93 7.51
CA LYS A 275 -5.57 -20.33 7.80
C LYS A 275 -5.11 -21.43 6.84
N HIS A 276 -6.00 -22.34 6.51
CA HIS A 276 -5.70 -23.33 5.51
C HIS A 276 -5.35 -22.75 4.13
N ILE A 277 -6.27 -21.99 3.53
CA ILE A 277 -6.03 -21.50 2.17
C ILE A 277 -4.85 -20.53 2.12
N ARG A 278 -4.54 -19.88 3.24
CA ARG A 278 -3.36 -19.05 3.33
C ARG A 278 -2.10 -19.82 2.98
N THR A 279 -2.16 -21.15 3.04
CA THR A 279 -1.02 -21.93 2.57
C THR A 279 -1.02 -22.00 1.05
N GLN A 280 -2.18 -21.79 0.44
CA GLN A 280 -2.32 -21.96 -0.99
C GLN A 280 -2.08 -20.70 -1.82
N ARG A 281 -2.27 -19.52 -1.22
CA ARG A 281 -1.87 -18.26 -1.86
C ARG A 281 -1.57 -17.22 -0.80
N ASN A 282 -0.57 -16.38 -1.05
CA ASN A 282 -0.24 -15.38 -0.06
C ASN A 282 -1.36 -14.34 0.08
N TYR A 283 -1.60 -13.91 1.32
CA TYR A 283 -2.40 -12.74 1.62
C TYR A 283 -3.91 -12.86 1.39
N LEU A 284 -4.38 -14.05 0.98
CA LEU A 284 -5.81 -14.27 0.80
C LEU A 284 -6.57 -13.67 1.99
N VAL A 285 -7.58 -12.85 1.69
CA VAL A 285 -8.17 -11.93 2.68
C VAL A 285 -7.09 -11.06 3.31
N GLN A 286 -6.80 -9.96 2.65
CA GLN A 286 -5.60 -9.17 2.91
C GLN A 286 -5.66 -8.30 4.17
N THR A 287 -6.86 -7.86 4.54
CA THR A 287 -6.99 -6.88 5.61
C THR A 287 -8.00 -7.31 6.67
N GLU A 288 -7.88 -6.73 7.86
CA GLU A 288 -8.74 -7.08 8.98
C GLU A 288 -10.14 -6.58 8.66
N GLU A 289 -10.19 -5.47 7.94
CA GLU A 289 -11.45 -4.93 7.53
C GLU A 289 -12.21 -5.94 6.66
N GLN A 290 -11.51 -6.55 5.72
CA GLN A 290 -12.11 -7.62 4.90
C GLN A 290 -12.49 -8.83 5.73
N TYR A 291 -11.68 -9.15 6.74
CA TYR A 291 -11.97 -10.29 7.61
C TYR A 291 -13.23 -10.07 8.44
N ILE A 292 -13.36 -8.88 9.03
CA ILE A 292 -14.60 -8.47 9.69
C ILE A 292 -15.78 -8.53 8.72
N PHE A 293 -15.62 -7.95 7.54
CA PHE A 293 -16.68 -7.97 6.55
C PHE A 293 -17.25 -9.37 6.32
N ILE A 294 -16.36 -10.35 6.18
CA ILE A 294 -16.74 -11.74 5.95
C ILE A 294 -17.76 -12.19 6.98
N HIS A 295 -17.52 -11.80 8.23
CA HIS A 295 -18.43 -12.17 9.31
C HIS A 295 -19.74 -11.43 9.28
N ASP A 296 -19.71 -10.16 8.94
CA ASP A 296 -20.95 -9.40 8.81
C ASP A 296 -21.78 -10.03 7.70
N ALA A 297 -21.13 -10.41 6.62
CA ALA A 297 -21.81 -10.99 5.48
C ALA A 297 -22.44 -12.33 5.84
N LEU A 298 -21.68 -13.18 6.52
CA LEU A 298 -22.20 -14.47 6.94
C LEU A 298 -23.35 -14.31 7.94
N LEU A 299 -23.28 -13.29 8.78
CA LEU A 299 -24.35 -13.05 9.74
C LEU A 299 -25.66 -12.69 9.05
N GLU A 300 -25.61 -11.77 8.11
CA GLU A 300 -26.81 -11.41 7.36
C GLU A 300 -27.41 -12.59 6.61
N ALA A 301 -26.57 -13.45 6.06
CA ALA A 301 -27.07 -14.62 5.34
C ALA A 301 -27.77 -15.58 6.28
N ILE A 302 -27.22 -15.74 7.48
CA ILE A 302 -27.80 -16.64 8.47
C ILE A 302 -29.10 -16.10 9.04
N LEU A 303 -29.16 -14.78 9.23
CA LEU A 303 -30.37 -14.12 9.73
C LEU A 303 -31.46 -14.09 8.67
N GLY A 304 -31.08 -14.19 7.40
CA GLY A 304 -32.07 -14.27 6.34
C GLY A 304 -32.76 -15.62 6.35
N LYS A 305 -32.63 -16.37 5.25
CA LYS A 305 -33.08 -17.76 5.22
C LYS A 305 -32.20 -18.64 6.13
N MET B 7 20.06 3.68 -11.89
CA MET B 7 19.58 3.26 -10.53
C MET B 7 20.65 2.50 -9.76
N GLU B 8 21.85 2.44 -10.33
CA GLU B 8 23.06 2.10 -9.57
C GLU B 8 23.91 3.36 -9.43
N ALA B 9 24.83 3.36 -8.46
CA ALA B 9 25.64 4.54 -8.16
C ALA B 9 26.62 4.90 -9.29
N ILE B 10 26.55 6.13 -9.77
CA ILE B 10 27.51 6.58 -10.77
C ILE B 10 28.42 7.66 -10.21
N PRO B 11 29.64 7.75 -10.75
CA PRO B 11 30.61 8.78 -10.33
C PRO B 11 30.07 10.19 -10.53
N VAL B 12 30.53 11.10 -9.67
CA VAL B 12 30.16 12.50 -9.73
C VAL B 12 30.35 13.15 -11.10
N LYS B 13 31.44 12.80 -11.78
CA LYS B 13 31.71 13.38 -13.08
C LYS B 13 30.61 12.99 -14.06
N GLN B 14 30.16 11.74 -13.96
CA GLN B 14 29.17 11.19 -14.87
C GLN B 14 27.79 11.72 -14.52
N PHE B 15 27.55 11.89 -13.23
CA PHE B 15 26.28 12.42 -12.74
C PHE B 15 26.02 13.84 -13.21
N VAL B 16 27.05 14.66 -13.14
CA VAL B 16 26.98 16.04 -13.60
C VAL B 16 26.70 16.11 -15.10
N LYS B 17 27.31 15.21 -15.86
CA LYS B 17 27.01 15.13 -17.27
C LYS B 17 25.55 14.70 -17.46
N HIS B 18 25.07 13.85 -16.55
CA HIS B 18 23.73 13.28 -16.67
C HIS B 18 22.64 14.33 -16.44
N ILE B 19 22.93 15.29 -15.56
CA ILE B 19 21.95 16.33 -15.26
C ILE B 19 21.78 17.20 -16.49
N GLY B 20 22.84 17.34 -17.27
CA GLY B 20 22.75 18.11 -18.49
C GLY B 20 21.84 17.43 -19.50
N GLU B 21 21.93 16.10 -19.54
CA GLU B 21 21.04 15.34 -20.41
C GLU B 21 19.58 15.47 -19.98
N LEU B 22 19.33 15.33 -18.67
CA LEU B 22 17.96 15.38 -18.16
C LEU B 22 17.28 16.72 -18.47
N TYR B 23 18.05 17.78 -18.56
CA TYR B 23 17.50 19.12 -18.82
C TYR B 23 17.16 19.32 -20.29
N SER B 24 17.83 18.58 -21.16
CA SER B 24 17.70 18.80 -22.60
C SER B 24 16.37 18.31 -23.18
N ASN B 25 16.09 18.74 -24.40
CA ASN B 25 14.83 18.43 -25.06
C ASN B 25 13.68 18.88 -24.17
N ASN B 26 13.81 20.08 -23.62
CA ASN B 26 12.80 20.63 -22.73
C ASN B 26 12.56 19.75 -21.49
N GLN B 27 13.64 19.44 -20.78
CA GLN B 27 13.55 18.69 -19.54
C GLN B 27 12.85 17.36 -19.73
N HIS B 28 12.96 16.82 -20.94
CA HIS B 28 12.31 15.56 -21.26
C HIS B 28 12.68 14.44 -20.26
N GLY B 29 13.97 14.33 -19.96
CA GLY B 29 14.42 13.22 -19.13
C GLY B 29 14.00 13.30 -17.67
N PHE B 30 13.90 14.50 -17.12
CA PHE B 30 13.33 14.65 -15.78
C PHE B 30 11.91 14.13 -15.73
N SER B 31 11.10 14.46 -16.73
CA SER B 31 9.73 14.00 -16.78
C SER B 31 9.67 12.49 -16.92
N GLU B 32 10.53 11.94 -17.76
CA GLU B 32 10.60 10.50 -17.91
C GLU B 32 11.03 9.86 -16.60
N ASP B 33 12.02 10.44 -15.95
CA ASP B 33 12.49 9.91 -14.68
C ASP B 33 11.35 9.92 -13.67
N PHE B 34 10.70 11.07 -13.52
CA PHE B 34 9.73 11.25 -12.46
C PHE B 34 8.53 10.34 -12.64
N GLU B 35 8.09 10.19 -13.89
CA GLU B 35 7.05 9.22 -14.23
C GLU B 35 7.47 7.82 -13.79
N GLU B 36 8.75 7.54 -13.88
CA GLU B 36 9.26 6.23 -13.46
C GLU B 36 9.11 6.03 -11.96
N VAL B 37 9.41 7.06 -11.18
CA VAL B 37 9.24 6.99 -9.74
C VAL B 37 7.78 6.72 -9.36
N GLN B 38 6.85 7.46 -9.97
CA GLN B 38 5.43 7.26 -9.73
C GLN B 38 5.05 5.82 -10.08
N ARG B 39 5.66 5.30 -11.13
CA ARG B 39 5.29 3.99 -11.63
C ARG B 39 5.89 2.84 -10.85
N CYS B 40 7.06 3.05 -10.26
CA CYS B 40 7.69 1.99 -9.48
C CYS B 40 7.07 1.90 -8.11
N THR B 41 6.16 2.81 -7.81
CA THR B 41 5.32 2.69 -6.63
C THR B 41 4.16 1.75 -6.94
N ALA B 42 3.53 1.94 -8.10
CA ALA B 42 2.29 1.28 -8.46
C ALA B 42 2.43 -0.23 -8.55
N ASP B 43 3.64 -0.70 -8.79
CA ASP B 43 3.88 -2.12 -8.98
C ASP B 43 4.18 -2.75 -7.62
N MET B 44 4.10 -1.92 -6.58
CA MET B 44 4.22 -2.32 -5.19
C MET B 44 2.86 -2.40 -4.53
N ASN B 45 2.52 -3.56 -3.98
CA ASN B 45 1.26 -3.68 -3.23
C ASN B 45 1.54 -3.42 -1.75
N ILE B 46 1.11 -2.26 -1.25
CA ILE B 46 1.42 -1.91 0.14
C ILE B 46 0.16 -1.43 0.86
N THR B 47 -0.08 -1.92 2.07
CA THR B 47 -1.27 -1.50 2.81
C THR B 47 -1.00 -0.29 3.69
N ALA B 48 -2.06 0.46 3.95
CA ALA B 48 -2.02 1.52 4.94
C ALA B 48 -3.37 1.58 5.65
N GLU B 49 -3.71 0.48 6.31
CA GLU B 49 -5.03 0.32 6.91
C GLU B 49 -5.19 1.12 8.22
N HIS B 50 -4.16 1.11 9.06
CA HIS B 50 -4.19 1.93 10.26
C HIS B 50 -4.49 3.39 9.94
N SER B 51 -3.81 3.95 8.95
CA SER B 51 -4.07 5.33 8.52
C SER B 51 -5.55 5.59 8.22
N ASN B 52 -6.21 4.57 7.68
CA ASN B 52 -7.57 4.75 7.18
C ASN B 52 -8.64 4.20 8.10
N HIS B 53 -8.23 3.76 9.29
CA HIS B 53 -9.21 3.41 10.31
C HIS B 53 -9.91 4.69 10.76
N PRO B 54 -11.23 4.62 10.92
CA PRO B 54 -12.08 5.77 11.27
C PRO B 54 -11.60 6.45 12.56
N GLU B 55 -11.01 5.67 13.45
CA GLU B 55 -10.52 6.20 14.72
C GLU B 55 -9.35 7.15 14.48
N ASN B 56 -8.67 6.97 13.34
CA ASN B 56 -7.41 7.65 13.09
C ASN B 56 -7.55 8.77 12.06
N LYS B 57 -8.72 8.85 11.44
CA LYS B 57 -8.90 9.73 10.29
C LYS B 57 -8.67 11.21 10.61
N HIS B 58 -8.94 11.59 11.85
CA HIS B 58 -8.78 12.97 12.27
C HIS B 58 -7.34 13.26 12.71
N LYS B 59 -6.49 12.24 12.70
CA LYS B 59 -5.08 12.42 13.02
C LYS B 59 -4.25 12.57 11.74
N ASN B 60 -4.93 12.49 10.60
CA ASN B 60 -4.32 12.75 9.30
C ASN B 60 -4.61 14.16 8.80
N ARG B 61 -3.57 14.91 8.49
CA ARG B 61 -3.73 16.24 7.95
C ARG B 61 -4.48 16.24 6.62
N TYR B 62 -4.17 15.28 5.75
CA TYR B 62 -4.86 15.16 4.46
C TYR B 62 -5.28 13.71 4.26
N ILE B 63 -6.45 13.49 3.68
CA ILE B 63 -7.02 12.14 3.68
C ILE B 63 -6.34 11.19 2.71
N ASN B 64 -5.60 11.72 1.73
CA ASN B 64 -4.90 10.91 0.74
C ASN B 64 -3.41 10.71 1.05
N ILE B 65 -2.91 11.34 2.11
CA ILE B 65 -1.51 11.15 2.51
C ILE B 65 -1.45 10.26 3.75
N LEU B 66 -0.91 9.06 3.57
CA LEU B 66 -1.01 7.99 4.58
C LEU B 66 0.35 7.52 5.11
N ALA B 67 0.31 6.71 6.16
CA ALA B 67 1.49 6.02 6.67
C ALA B 67 1.40 4.51 6.38
N TYR B 68 2.26 3.99 5.50
CA TYR B 68 2.26 2.57 5.18
C TYR B 68 2.36 1.77 6.46
N ASP B 69 1.61 0.67 6.55
CA ASP B 69 1.64 -0.14 7.75
C ASP B 69 3.01 -0.72 8.07
N HIS B 70 3.77 -1.13 7.06
CA HIS B 70 5.02 -1.84 7.35
C HIS B 70 6.11 -0.94 7.93
N SER B 71 6.04 0.37 7.64
CA SER B 71 7.10 1.28 8.02
C SER B 71 6.69 2.35 9.04
N ARG B 72 5.41 2.36 9.43
CA ARG B 72 4.91 3.47 10.22
C ARG B 72 5.53 3.49 11.60
N VAL B 73 5.58 4.67 12.21
CA VAL B 73 6.03 4.77 13.59
C VAL B 73 4.87 4.47 14.51
N LYS B 74 5.09 3.60 15.49
CA LYS B 74 4.06 3.22 16.44
C LYS B 74 4.33 3.88 17.79
N LEU B 75 3.30 4.51 18.37
CA LEU B 75 3.39 5.06 19.72
C LEU B 75 3.17 3.93 20.72
N ARG B 76 3.85 3.95 21.86
CA ARG B 76 3.57 2.96 22.91
C ARG B 76 2.12 3.15 23.36
N PRO B 77 1.30 2.09 23.29
CA PRO B 77 -0.15 2.14 23.54
C PRO B 77 -0.56 2.73 24.89
N LEU B 78 -1.65 3.49 24.88
CA LEU B 78 -2.10 4.19 26.06
C LEU B 78 -3.24 3.46 26.78
N PRO B 79 -3.14 3.33 28.11
CA PRO B 79 -4.15 2.62 28.90
C PRO B 79 -5.57 3.15 28.70
N GLY B 80 -6.51 2.23 28.49
CA GLY B 80 -7.89 2.60 28.18
C GLY B 80 -8.56 1.52 27.35
N LYS B 81 -9.41 1.95 26.40
CA LYS B 81 -9.91 1.07 25.34
C LYS B 81 -11.04 1.73 24.58
N SER B 83 -8.23 3.04 23.47
CA SER B 83 -6.82 2.68 23.58
C SER B 83 -6.28 1.96 22.35
N LYS B 84 -7.18 1.40 21.55
CA LYS B 84 -6.78 0.52 20.46
C LYS B 84 -5.90 1.23 19.43
N HIS B 85 -6.23 2.48 19.12
CA HIS B 85 -5.52 3.21 18.09
C HIS B 85 -4.65 4.36 18.61
N SER B 86 -4.53 4.46 19.93
CA SER B 86 -3.59 5.38 20.55
C SER B 86 -2.14 5.02 20.22
N ASP B 87 -1.93 4.11 19.27
CA ASP B 87 -0.59 3.82 18.78
C ASP B 87 -0.28 4.52 17.45
N TYR B 88 -1.30 5.12 16.84
CA TYR B 88 -1.15 5.68 15.51
C TYR B 88 -0.64 7.12 15.47
N ILE B 89 0.32 7.34 14.60
CA ILE B 89 0.67 8.68 14.17
C ILE B 89 1.01 8.59 12.68
N ASN B 90 0.72 9.66 11.96
CA ASN B 90 0.99 9.67 10.53
C ASN B 90 2.47 10.01 10.28
N ALA B 91 3.29 8.96 10.28
CA ALA B 91 4.75 9.07 10.27
C ALA B 91 5.33 7.71 9.87
N ASN B 92 6.40 7.73 9.10
CA ASN B 92 7.14 6.50 8.80
C ASN B 92 8.64 6.62 9.04
N TYR B 93 9.27 5.47 9.26
CA TYR B 93 10.72 5.36 9.24
C TYR B 93 11.23 5.42 7.80
N VAL B 94 12.21 6.26 7.54
CA VAL B 94 12.82 6.31 6.22
C VAL B 94 14.33 6.19 6.37
N ASP B 95 14.94 5.41 5.48
CA ASP B 95 16.38 5.17 5.55
C ASP B 95 17.15 6.41 5.13
N GLY B 96 18.39 6.50 5.58
CA GLY B 96 19.34 7.44 5.00
C GLY B 96 20.44 6.70 4.27
N TYR B 97 21.51 7.42 3.94
CA TYR B 97 22.69 6.80 3.35
C TYR B 97 23.41 5.91 4.38
N ASN B 98 23.46 4.61 4.09
CA ASN B 98 24.09 3.64 4.99
C ASN B 98 23.57 3.64 6.43
N LYS B 99 22.25 3.60 6.59
CA LYS B 99 21.65 3.64 7.91
C LYS B 99 20.14 3.53 7.75
N ALA B 100 19.56 2.45 8.25
CA ALA B 100 18.11 2.25 8.16
C ALA B 100 17.42 3.10 9.22
N LYS B 101 16.20 3.52 8.93
CA LYS B 101 15.41 4.30 9.86
C LYS B 101 16.21 5.50 10.35
N ALA B 102 16.81 6.24 9.43
CA ALA B 102 17.61 7.41 9.78
C ALA B 102 16.70 8.59 10.08
N TYR B 103 15.50 8.54 9.53
CA TYR B 103 14.56 9.65 9.65
C TYR B 103 13.20 9.14 10.06
N ILE B 104 12.47 9.98 10.78
CA ILE B 104 11.02 9.88 10.79
C ILE B 104 10.52 10.99 9.89
N ALA B 105 9.76 10.61 8.86
CA ALA B 105 9.09 11.58 8.00
C ALA B 105 7.63 11.62 8.42
N THR B 106 7.15 12.81 8.75
CA THR B 106 5.84 12.92 9.34
C THR B 106 5.22 14.22 8.89
N GLN B 107 3.90 14.31 8.97
CA GLN B 107 3.20 15.54 8.63
C GLN B 107 3.50 16.61 9.69
N GLY B 108 3.18 17.86 9.37
CA GLY B 108 3.10 18.87 10.41
C GLY B 108 2.01 18.51 11.41
N PRO B 109 2.34 18.43 12.70
CA PRO B 109 1.34 18.05 13.71
C PRO B 109 0.11 18.97 13.68
N LEU B 110 -1.05 18.37 13.96
CA LEU B 110 -2.29 19.11 14.17
C LEU B 110 -2.47 19.33 15.66
N LYS B 111 -3.35 20.28 16.02
CA LYS B 111 -3.73 20.49 17.42
C LYS B 111 -4.06 19.17 18.14
N SER B 112 -4.80 18.30 17.47
CA SER B 112 -5.21 17.04 18.08
C SER B 112 -4.11 16.00 18.14
N THR B 113 -2.96 16.29 17.54
CA THR B 113 -1.87 15.32 17.51
C THR B 113 -0.60 15.84 18.18
N PHE B 114 -0.67 17.03 18.77
CA PHE B 114 0.44 17.59 19.53
C PHE B 114 1.02 16.62 20.56
N GLU B 115 0.14 15.96 21.31
CA GLU B 115 0.59 15.00 22.31
C GLU B 115 1.24 13.80 21.64
N ASP B 116 0.61 13.30 20.59
CA ASP B 116 1.16 12.15 19.90
C ASP B 116 2.57 12.47 19.39
N PHE B 117 2.76 13.71 18.92
CA PHE B 117 3.99 14.14 18.28
C PHE B 117 5.16 14.22 19.25
N TRP B 118 4.95 14.88 20.38
CA TRP B 118 6.00 14.95 21.38
C TRP B 118 6.22 13.59 22.05
N ARG B 119 5.14 12.81 22.16
CA ARG B 119 5.24 11.45 22.70
C ARG B 119 6.13 10.56 21.81
N MET B 120 5.87 10.59 20.50
CA MET B 120 6.72 9.89 19.53
C MET B 120 8.17 10.30 19.67
N ILE B 121 8.40 11.61 19.85
CA ILE B 121 9.75 12.13 20.01
C ILE B 121 10.41 11.63 21.29
N TRP B 122 9.69 11.61 22.40
CA TRP B 122 10.26 11.09 23.62
C TRP B 122 10.60 9.61 23.46
N GLU B 123 9.61 8.81 23.07
CA GLU B 123 9.79 7.37 22.97
C GLU B 123 10.89 6.99 21.98
N GLN B 124 10.88 7.63 20.81
CA GLN B 124 11.87 7.34 19.78
C GLN B 124 13.25 7.97 20.07
N ASN B 125 13.34 8.68 21.19
CA ASN B 125 14.58 9.36 21.59
C ASN B 125 15.16 10.23 20.48
N THR B 126 14.29 10.99 19.83
CA THR B 126 14.71 11.89 18.74
C THR B 126 15.31 13.17 19.32
N GLY B 127 16.48 13.55 18.80
CA GLY B 127 17.13 14.75 19.29
C GLY B 127 17.07 15.93 18.33
N ILE B 128 16.72 15.67 17.07
CA ILE B 128 16.67 16.70 16.06
C ILE B 128 15.34 16.75 15.31
N ILE B 129 14.74 17.93 15.28
CA ILE B 129 13.57 18.16 14.46
C ILE B 129 13.97 19.02 13.27
N VAL B 130 13.60 18.59 12.07
CA VAL B 130 13.77 19.41 10.87
C VAL B 130 12.43 19.84 10.29
N MET B 131 12.20 21.15 10.25
CA MET B 131 10.91 21.71 9.85
C MET B 131 11.05 22.51 8.57
N ILE B 132 10.40 22.04 7.51
CA ILE B 132 10.62 22.62 6.19
C ILE B 132 9.36 23.28 5.65
N THR B 133 8.80 24.20 6.43
CA THR B 133 7.52 24.82 6.08
C THR B 133 7.30 25.99 7.05
N ASN B 134 6.59 27.02 6.63
CA ASN B 134 6.09 27.99 7.60
C ASN B 134 4.71 27.55 8.09
N LEU B 135 4.15 28.25 9.06
CA LEU B 135 2.85 27.90 9.61
C LEU B 135 1.74 28.21 8.63
N VAL B 136 1.92 29.30 7.90
CA VAL B 136 0.97 29.74 6.90
C VAL B 136 1.75 30.08 5.65
N GLU B 137 1.24 29.70 4.50
CA GLU B 137 1.93 29.99 3.25
C GLU B 137 0.90 30.24 2.16
N LYS B 138 1.01 31.40 1.52
CA LYS B 138 0.09 31.81 0.45
C LYS B 138 -1.35 31.90 0.93
N GLY B 139 -1.54 32.33 2.18
CA GLY B 139 -2.86 32.43 2.74
C GLY B 139 -3.39 31.09 3.23
N ARG B 140 -2.58 30.04 3.05
CA ARG B 140 -3.04 28.68 3.35
C ARG B 140 -2.27 28.07 4.52
N ARG B 141 -2.99 27.63 5.53
CA ARG B 141 -2.36 27.09 6.72
C ARG B 141 -1.71 25.72 6.46
N LYS B 142 -0.48 25.57 6.93
CA LYS B 142 0.37 24.44 6.56
C LYS B 142 0.66 23.56 7.77
N CYS B 143 0.78 24.21 8.91
CA CYS B 143 1.22 23.57 10.14
C CYS B 143 0.67 24.35 11.32
N ASP B 144 0.47 23.67 12.44
CA ASP B 144 0.08 24.32 13.67
C ASP B 144 1.28 24.37 14.59
N GLN B 145 1.37 25.42 15.40
CA GLN B 145 2.56 25.59 16.21
C GLN B 145 2.51 24.65 17.42
N TYR B 146 3.43 23.70 17.42
CA TYR B 146 3.43 22.62 18.40
C TYR B 146 4.49 22.86 19.46
N TRP B 147 5.07 24.05 19.46
CA TRP B 147 6.02 24.42 20.50
C TRP B 147 5.58 25.74 21.14
N PRO B 148 6.10 26.03 22.36
CA PRO B 148 5.83 27.29 23.05
C PRO B 148 6.52 28.48 22.40
N THR B 149 5.81 29.58 22.23
CA THR B 149 6.41 30.79 21.69
C THR B 149 7.43 31.30 22.69
N GLU B 150 7.16 31.10 23.97
CA GLU B 150 8.10 31.40 25.02
C GLU B 150 7.89 30.55 26.26
N ASN B 151 8.99 30.34 26.98
CA ASN B 151 9.02 29.47 28.14
C ASN B 151 8.51 28.05 27.85
N SER B 152 7.48 27.63 28.56
CA SER B 152 7.02 26.24 28.50
C SER B 152 5.59 26.07 28.05
N GLU B 153 5.30 24.89 27.52
CA GLU B 153 3.94 24.43 27.29
C GLU B 153 3.96 22.96 27.59
N GLU B 154 2.82 22.44 28.00
CA GLU B 154 2.75 21.02 28.35
C GLU B 154 1.91 20.28 27.32
N TYR B 155 2.44 19.16 26.83
CA TYR B 155 1.70 18.31 25.90
C TYR B 155 1.65 16.91 26.49
N GLY B 156 0.51 16.57 27.10
CA GLY B 156 0.41 15.29 27.79
C GLY B 156 1.35 15.24 28.98
N ASN B 157 2.30 14.31 28.94
CA ASN B 157 3.27 14.14 30.01
C ASN B 157 4.62 14.76 29.67
N ILE B 158 4.74 15.30 28.48
CA ILE B 158 5.97 15.96 28.08
C ILE B 158 5.79 17.46 28.21
N ILE B 159 6.71 18.09 28.94
CA ILE B 159 6.73 19.54 29.01
C ILE B 159 7.88 20.08 28.17
N VAL B 160 7.56 21.00 27.26
CA VAL B 160 8.55 21.57 26.35
C VAL B 160 8.90 23.01 26.72
N THR B 161 10.19 23.27 26.90
CA THR B 161 10.67 24.59 27.29
C THR B 161 11.59 25.14 26.22
N LEU B 162 11.31 26.36 25.76
CA LEU B 162 12.19 27.06 24.82
C LEU B 162 13.38 27.64 25.59
N LYS B 163 14.58 27.18 25.24
CA LYS B 163 15.79 27.62 25.92
C LYS B 163 16.48 28.76 25.17
N SER B 164 16.46 28.71 23.84
CA SER B 164 17.10 29.74 23.05
C SER B 164 16.64 29.67 21.61
N THR B 165 16.67 30.82 20.95
CA THR B 165 16.30 30.95 19.55
C THR B 165 17.42 31.72 18.85
N LYS B 166 18.03 31.10 17.86
CA LYS B 166 18.98 31.83 17.02
C LYS B 166 18.42 31.96 15.62
N ILE B 167 18.39 33.19 15.12
CA ILE B 167 17.83 33.50 13.81
C ILE B 167 18.93 33.69 12.78
N HIS B 168 18.78 33.04 11.63
CA HIS B 168 19.68 33.24 10.49
C HIS B 168 18.84 33.75 9.32
N ALA B 169 19.49 34.16 8.24
CA ALA B 169 18.77 34.69 7.07
C ALA B 169 17.64 33.79 6.56
N CYS B 170 17.92 32.49 6.41
CA CYS B 170 16.98 31.59 5.75
C CYS B 170 16.39 30.55 6.67
N TYR B 171 16.94 30.42 7.86
CA TYR B 171 16.39 29.49 8.82
C TYR B 171 16.56 29.93 10.26
N THR B 172 15.84 29.24 11.15
CA THR B 172 15.91 29.51 12.59
C THR B 172 16.22 28.22 13.34
N VAL B 173 17.04 28.35 14.39
CA VAL B 173 17.32 27.24 15.28
C VAL B 173 16.69 27.53 16.64
N ARG B 174 15.78 26.66 17.08
CA ARG B 174 15.25 26.74 18.42
C ARG B 174 15.74 25.55 19.21
N ARG B 175 16.35 25.83 20.35
CA ARG B 175 16.81 24.80 21.26
C ARG B 175 15.71 24.55 22.31
N PHE B 176 15.26 23.29 22.42
CA PHE B 176 14.26 22.92 23.41
C PHE B 176 14.81 21.96 24.45
N SER B 177 14.23 22.02 25.63
CA SER B 177 14.41 20.98 26.63
C SER B 177 13.05 20.36 26.84
N ILE B 178 13.01 19.04 26.94
CA ILE B 178 11.75 18.35 27.19
C ILE B 178 11.86 17.39 28.36
N ARG B 179 10.79 17.30 29.14
CA ARG B 179 10.80 16.46 30.33
C ARG B 179 9.54 15.60 30.37
N ASN B 180 9.71 14.36 30.82
CA ASN B 180 8.59 13.45 30.99
C ASN B 180 8.12 13.52 32.44
N THR B 181 6.83 13.80 32.65
CA THR B 181 6.32 13.98 34.01
C THR B 181 5.91 12.66 34.65
N LYS B 182 6.05 11.57 33.90
CA LYS B 182 5.88 10.22 34.44
C LYS B 182 4.43 9.96 34.86
N ASN B 196 14.73 19.34 32.21
CA ASN B 196 15.98 19.39 31.45
C ASN B 196 16.38 18.02 30.91
N GLU B 197 15.60 16.99 31.25
CA GLU B 197 15.94 15.61 30.92
C GLU B 197 16.60 15.47 29.54
N ARG B 198 15.95 15.96 28.49
CA ARG B 198 16.51 15.84 27.15
C ARG B 198 16.52 17.13 26.35
N VAL B 199 17.46 17.19 25.42
CA VAL B 199 17.62 18.31 24.50
C VAL B 199 17.06 17.93 23.13
N VAL B 200 16.18 18.78 22.59
CA VAL B 200 15.76 18.68 21.20
C VAL B 200 15.98 20.00 20.47
N ILE B 201 16.72 19.94 19.36
CA ILE B 201 17.00 21.13 18.55
C ILE B 201 16.13 21.13 17.31
N GLN B 202 15.44 22.24 17.08
CA GLN B 202 14.62 22.39 15.88
C GLN B 202 15.25 23.31 14.86
N TYR B 203 15.53 22.76 13.68
CA TYR B 203 15.96 23.52 12.52
C TYR B 203 14.77 23.83 11.62
N HIS B 204 14.56 25.11 11.40
CA HIS B 204 13.31 25.60 10.83
C HIS B 204 13.61 26.49 9.63
N TYR B 205 13.44 25.96 8.43
CA TYR B 205 13.66 26.75 7.23
C TYR B 205 12.52 27.73 7.01
N THR B 206 12.85 29.02 6.94
CA THR B 206 11.84 30.07 6.96
C THR B 206 11.70 30.89 5.68
N GLN B 207 12.69 30.80 4.78
CA GLN B 207 12.68 31.65 3.60
C GLN B 207 11.75 31.14 2.51
N TRP B 208 10.45 31.36 2.71
CA TRP B 208 9.46 30.87 1.78
C TRP B 208 8.75 32.00 1.04
N PRO B 209 9.07 32.19 -0.24
CA PRO B 209 8.54 33.31 -1.02
C PRO B 209 7.03 33.29 -1.07
N ASP B 210 6.42 34.48 -1.05
CA ASP B 210 4.98 34.60 -1.19
C ASP B 210 4.62 34.34 -2.65
N MET B 211 5.65 34.12 -3.46
CA MET B 211 5.52 34.02 -4.91
C MET B 211 6.47 32.95 -5.47
N GLY B 212 5.92 31.78 -5.80
CA GLY B 212 6.73 30.71 -6.38
C GLY B 212 7.34 29.74 -5.37
N VAL B 213 8.55 29.28 -5.67
CA VAL B 213 9.30 28.41 -4.77
C VAL B 213 10.71 28.96 -4.56
N PRO B 214 11.46 28.39 -3.60
CA PRO B 214 12.84 28.85 -3.43
C PRO B 214 13.62 28.74 -4.73
N GLU B 215 14.30 29.82 -5.10
CA GLU B 215 14.92 29.91 -6.43
C GLU B 215 16.42 29.61 -6.39
N TYR B 216 17.02 29.72 -5.19
CA TYR B 216 18.46 29.48 -5.04
C TYR B 216 18.72 28.28 -4.11
N ALA B 217 19.58 27.36 -4.58
CA ALA B 217 19.82 26.11 -3.89
C ALA B 217 20.81 26.27 -2.73
N LEU B 218 21.55 27.37 -2.74
CA LEU B 218 22.63 27.55 -1.78
C LEU B 218 22.14 27.72 -0.34
N PRO B 219 21.09 28.51 -0.12
CA PRO B 219 20.57 28.61 1.25
C PRO B 219 20.19 27.24 1.81
N VAL B 220 19.64 26.39 0.96
CA VAL B 220 19.20 25.08 1.38
C VAL B 220 20.37 24.13 1.70
N LEU B 221 21.39 24.14 0.84
CA LEU B 221 22.58 23.34 1.08
C LEU B 221 23.15 23.64 2.45
N THR B 222 23.16 24.91 2.83
CA THR B 222 23.63 25.31 4.15
C THR B 222 22.73 24.79 5.25
N PHE B 223 21.43 24.90 5.06
CA PHE B 223 20.47 24.40 6.06
C PHE B 223 20.56 22.88 6.22
N VAL B 224 20.68 22.18 5.09
CA VAL B 224 20.81 20.72 5.11
C VAL B 224 22.11 20.32 5.81
N ARG B 225 23.23 20.87 5.36
CA ARG B 225 24.52 20.57 5.97
C ARG B 225 24.56 20.81 7.48
N ARG B 226 24.09 21.97 7.94
CA ARG B 226 24.12 22.26 9.36
C ARG B 226 23.15 21.37 10.14
N SER B 227 21.92 21.21 9.64
CA SER B 227 20.91 20.45 10.37
C SER B 227 21.30 18.99 10.41
N SER B 228 21.96 18.52 9.36
CA SER B 228 22.40 17.14 9.27
C SER B 228 23.60 16.87 10.19
N ALA B 229 24.49 17.86 10.30
CA ALA B 229 25.66 17.71 11.17
C ALA B 229 25.28 17.76 12.65
N ALA B 230 24.08 18.25 12.97
CA ALA B 230 23.65 18.38 14.35
C ALA B 230 23.33 17.01 14.95
N ARG B 231 23.34 15.99 14.13
CA ARG B 231 22.91 14.66 14.52
C ARG B 231 24.01 13.89 15.26
N MET B 232 23.76 13.64 16.54
CA MET B 232 24.72 12.99 17.42
C MET B 232 24.58 11.49 17.36
N PRO B 233 25.68 10.77 17.63
CA PRO B 233 25.61 9.36 18.01
C PRO B 233 25.29 9.23 19.51
N GLU B 234 24.65 8.15 19.91
CA GLU B 234 23.80 7.38 19.02
C GLU B 234 22.38 7.63 19.51
N THR B 235 21.71 8.55 18.82
CA THR B 235 20.36 8.97 19.19
C THR B 235 19.36 8.38 18.20
N GLY B 236 18.08 8.60 18.46
CA GLY B 236 17.06 8.10 17.55
C GLY B 236 17.00 8.83 16.22
N PRO B 237 16.04 8.47 15.36
CA PRO B 237 15.97 9.11 14.04
C PRO B 237 15.76 10.63 14.09
N VAL B 238 16.26 11.31 13.06
CA VAL B 238 15.97 12.72 12.87
C VAL B 238 14.56 12.86 12.31
N LEU B 239 13.75 13.66 13.00
CA LEU B 239 12.37 13.91 12.56
C LEU B 239 12.32 15.04 11.53
N VAL B 240 11.83 14.74 10.34
CA VAL B 240 11.70 15.73 9.28
C VAL B 240 10.23 15.88 8.88
N HIS B 241 9.74 17.12 8.87
CA HIS B 241 8.36 17.38 8.44
C HIS B 241 8.18 18.69 7.68
N CYS B 242 7.25 18.69 6.74
CA CYS B 242 6.79 19.91 6.12
C CYS B 242 5.31 20.06 6.48
N SER B 243 4.46 20.11 5.45
CA SER B 243 3.03 20.13 5.69
C SER B 243 2.46 18.70 5.74
N ALA B 244 2.39 18.06 4.57
CA ALA B 244 1.91 16.68 4.50
C ALA B 244 3.06 15.75 4.84
N GLY B 245 4.26 16.33 4.89
CA GLY B 245 5.43 15.54 5.23
C GLY B 245 5.81 14.54 4.15
N VAL B 246 5.56 14.88 2.89
CA VAL B 246 6.06 14.06 1.80
C VAL B 246 6.92 14.78 0.75
N GLY B 247 6.49 15.97 0.31
CA GLY B 247 7.20 16.67 -0.75
C GLY B 247 8.57 17.22 -0.37
N ARG B 248 8.59 18.26 0.46
CA ARG B 248 9.85 18.88 0.88
C ARG B 248 10.61 17.95 1.80
N THR B 249 9.89 17.32 2.72
CA THR B 249 10.44 16.29 3.57
C THR B 249 11.25 15.26 2.79
N GLY B 250 10.69 14.75 1.71
CA GLY B 250 11.43 13.81 0.86
C GLY B 250 12.60 14.46 0.15
N THR B 251 12.40 15.69 -0.32
CA THR B 251 13.47 16.43 -0.96
C THR B 251 14.64 16.63 -0.01
N TYR B 252 14.35 16.93 1.25
CA TYR B 252 15.42 17.12 2.22
C TYR B 252 16.18 15.80 2.39
N ILE B 253 15.44 14.71 2.50
CA ILE B 253 16.02 13.41 2.80
C ILE B 253 16.90 12.89 1.67
N VAL B 254 16.48 13.14 0.45
CA VAL B 254 17.29 12.78 -0.70
C VAL B 254 18.57 13.61 -0.71
N ILE B 255 18.43 14.94 -0.64
CA ILE B 255 19.56 15.84 -0.74
C ILE B 255 20.60 15.56 0.34
N ASP B 256 20.12 15.42 1.58
CA ASP B 256 20.97 15.06 2.67
C ASP B 256 21.70 13.75 2.38
N SER B 257 20.96 12.71 2.00
CA SER B 257 21.57 11.40 1.85
C SER B 257 22.57 11.36 0.70
N MET B 258 22.25 12.04 -0.39
CA MET B 258 23.13 12.06 -1.54
C MET B 258 24.39 12.89 -1.29
N LEU B 259 24.28 13.93 -0.46
CA LEU B 259 25.45 14.70 -0.05
C LEU B 259 26.43 13.83 0.74
N GLN B 260 25.91 13.07 1.69
CA GLN B 260 26.75 12.13 2.44
C GLN B 260 27.37 11.09 1.51
N GLN B 261 26.58 10.54 0.59
CA GLN B 261 27.11 9.58 -0.36
C GLN B 261 28.25 10.19 -1.20
N ILE B 262 28.15 11.48 -1.49
CA ILE B 262 29.15 12.12 -2.31
C ILE B 262 30.46 12.33 -1.55
N LYS B 263 30.36 12.78 -0.30
CA LYS B 263 31.56 12.98 0.50
C LYS B 263 32.24 11.64 0.73
N ASP B 264 31.44 10.60 0.91
CA ASP B 264 31.98 9.33 1.36
C ASP B 264 32.57 8.49 0.24
N LYS B 265 31.94 8.52 -0.93
CA LYS B 265 32.31 7.61 -2.00
C LYS B 265 32.34 8.31 -3.36
N SER B 266 32.00 9.60 -3.37
CA SER B 266 32.07 10.39 -4.60
C SER B 266 31.18 9.82 -5.71
N THR B 267 30.11 9.16 -5.29
CA THR B 267 29.07 8.73 -6.21
C THR B 267 27.72 9.24 -5.75
N VAL B 268 26.73 9.08 -6.61
CA VAL B 268 25.41 9.60 -6.31
C VAL B 268 24.43 8.68 -7.03
N ASN B 269 23.25 8.50 -6.43
CA ASN B 269 22.23 7.63 -7.00
C ASN B 269 20.83 8.16 -6.67
N VAL B 270 20.47 9.30 -7.25
CA VAL B 270 19.24 9.97 -6.88
C VAL B 270 18.04 9.09 -7.15
N LEU B 271 17.94 8.62 -8.39
CA LEU B 271 16.78 7.88 -8.85
C LEU B 271 16.59 6.58 -8.09
N GLY B 272 17.69 5.85 -7.88
CA GLY B 272 17.62 4.59 -7.17
C GLY B 272 17.29 4.72 -5.70
N PHE B 273 17.87 5.72 -5.05
CA PHE B 273 17.60 5.91 -3.62
C PHE B 273 16.18 6.44 -3.43
N LEU B 274 15.71 7.28 -4.36
CA LEU B 274 14.36 7.81 -4.30
C LEU B 274 13.32 6.70 -4.41
N LYS B 275 13.49 5.81 -5.39
CA LYS B 275 12.59 4.68 -5.57
C LYS B 275 12.56 3.84 -4.31
N HIS B 276 13.72 3.69 -3.70
CA HIS B 276 13.80 2.96 -2.46
C HIS B 276 12.92 3.60 -1.37
N ILE B 277 13.13 4.87 -1.07
CA ILE B 277 12.41 5.47 0.05
C ILE B 277 10.93 5.65 -0.24
N ARG B 278 10.57 5.56 -1.51
CA ARG B 278 9.16 5.58 -1.90
C ARG B 278 8.39 4.36 -1.40
N THR B 279 9.08 3.26 -1.13
CA THR B 279 8.43 2.09 -0.53
C THR B 279 8.23 2.31 0.96
N GLN B 280 8.94 3.29 1.53
CA GLN B 280 8.86 3.52 2.97
C GLN B 280 7.84 4.61 3.34
N ARG B 281 7.62 5.56 2.44
CA ARG B 281 6.49 6.46 2.59
C ARG B 281 6.02 7.07 1.26
N ASN B 282 4.70 7.06 1.06
CA ASN B 282 4.10 7.50 -0.19
C ASN B 282 4.38 8.96 -0.54
N TYR B 283 4.75 9.18 -1.80
CA TYR B 283 4.90 10.52 -2.38
C TYR B 283 6.15 11.31 -2.00
N LEU B 284 7.06 10.72 -1.23
CA LEU B 284 8.32 11.41 -0.92
C LEU B 284 8.88 12.00 -2.21
N VAL B 285 9.21 13.29 -2.18
CA VAL B 285 9.45 14.06 -3.40
C VAL B 285 8.18 13.96 -4.25
N GLN B 286 7.33 14.97 -4.13
CA GLN B 286 5.93 14.83 -4.54
C GLN B 286 5.67 15.37 -5.94
N THR B 287 6.54 16.25 -6.41
CA THR B 287 6.36 16.94 -7.68
C THR B 287 7.63 16.88 -8.50
N GLU B 288 7.50 17.05 -9.80
CA GLU B 288 8.65 17.07 -10.70
C GLU B 288 9.63 18.19 -10.34
N GLU B 289 9.10 19.35 -10.00
CA GLU B 289 9.96 20.49 -9.70
C GLU B 289 10.90 20.14 -8.54
N GLN B 290 10.36 19.55 -7.50
CA GLN B 290 11.15 19.12 -6.36
C GLN B 290 12.28 18.16 -6.79
N TYR B 291 11.93 17.25 -7.69
CA TYR B 291 12.89 16.29 -8.22
C TYR B 291 14.00 17.03 -8.96
N ILE B 292 13.61 17.93 -9.86
CA ILE B 292 14.59 18.75 -10.56
C ILE B 292 15.45 19.54 -9.58
N PHE B 293 14.83 20.07 -8.54
CA PHE B 293 15.53 20.91 -7.58
C PHE B 293 16.60 20.14 -6.81
N ILE B 294 16.32 18.88 -6.53
CA ILE B 294 17.32 18.00 -5.94
C ILE B 294 18.59 17.98 -6.80
N HIS B 295 18.42 17.84 -8.10
CA HIS B 295 19.56 17.79 -9.00
C HIS B 295 20.27 19.15 -9.08
N ASP B 296 19.50 20.22 -9.09
CA ASP B 296 20.08 21.55 -9.16
C ASP B 296 20.91 21.82 -7.91
N ALA B 297 20.37 21.45 -6.75
CA ALA B 297 21.06 21.62 -5.48
C ALA B 297 22.35 20.80 -5.42
N LEU B 298 22.32 19.59 -5.94
CA LEU B 298 23.50 18.71 -5.92
C LEU B 298 24.55 19.15 -6.94
N LEU B 299 24.11 19.62 -8.09
CA LEU B 299 25.06 20.16 -9.07
C LEU B 299 25.89 21.25 -8.40
N GLU B 300 25.25 22.16 -7.69
CA GLU B 300 25.97 23.28 -7.09
C GLU B 300 26.87 22.85 -5.94
N ALA B 301 26.40 21.88 -5.16
CA ALA B 301 27.22 21.35 -4.08
C ALA B 301 28.49 20.75 -4.65
N ILE B 302 28.37 20.10 -5.80
CA ILE B 302 29.51 19.46 -6.46
C ILE B 302 30.46 20.48 -7.12
N LEU B 303 29.88 21.52 -7.72
CA LEU B 303 30.66 22.60 -8.32
C LEU B 303 31.24 23.52 -7.25
N GLY B 304 30.55 23.65 -6.12
CA GLY B 304 31.00 24.59 -5.12
C GLY B 304 32.13 24.05 -4.28
C1 NXY C . -13.96 -4.92 0.79
C2 NXY C . -12.84 -4.31 1.45
S3 NXY C . -14.23 -5.41 -0.84
C4 NXY C . -14.78 -4.96 1.83
S5 NXY C . -13.30 -4.01 3.18
C6 NXY C . -11.60 -3.95 0.78
C7 NXY C . -15.80 -6.13 -0.34
C8 NXY C . -14.93 -4.65 3.09
O9 NXY C . -10.76 -3.23 1.36
O10 NXY C . -11.42 -4.40 -0.37
C11 NXY C . -16.38 -7.06 -1.33
C12 NXY C . -16.11 -8.45 -1.15
C13 NXY C . -17.19 -6.49 -2.40
C14 NXY C . -16.71 -9.30 -2.14
C15 NXY C . -17.76 -7.34 -3.38
C16 NXY C . -17.49 -8.74 -3.21
CL17 NXY C . -16.50 -11.01 -2.04
CL18 NXY C . -18.15 -9.83 -4.34
C1 NXY D . 10.82 23.61 -3.51
C2 NXY D . 9.50 23.36 -4.11
S3 NXY D . 11.22 23.75 -1.83
C4 NXY D . 11.53 23.73 -4.61
S5 NXY D . 9.65 23.28 -5.94
C6 NXY D . 8.27 23.22 -3.29
C7 NXY D . 13.02 23.70 -1.91
C8 NXY D . 11.40 23.70 -5.92
O9 NXY D . 7.21 22.80 -3.80
O10 NXY D . 8.33 23.55 -2.08
C11 NXY D . 13.53 23.45 -0.51
C12 NXY D . 13.86 22.10 -0.20
C13 NXY D . 13.71 24.56 0.41
C14 NXY D . 14.44 21.92 1.07
C15 NXY D . 14.25 24.37 1.71
C16 NXY D . 14.61 23.03 1.99
CL17 NXY D . 15.04 20.39 1.45
CL18 NXY D . 15.39 22.70 3.49
S SO4 E . 20.65 25.80 29.53
O1 SO4 E . 19.69 26.65 30.26
O2 SO4 E . 20.53 26.08 28.08
O3 SO4 E . 22.02 26.10 29.96
O4 SO4 E . 20.36 24.38 29.79
#